data_2VTK
#
_entry.id   2VTK
#
_cell.length_a   84.100
_cell.length_b   84.100
_cell.length_c   155.360
_cell.angle_alpha   90.00
_cell.angle_beta   90.00
_cell.angle_gamma   90.00
#
_symmetry.space_group_name_H-M   'I 41'
#
loop_
_entity.id
_entity.type
_entity.pdbx_description
1 polymer 'THYMIDINE KINASE'
2 non-polymer "ADENOSINE-5'-DIPHOSPHATE"
3 non-polymer THYMIDINE
4 water water
#
_entity_poly.entity_id   1
_entity_poly.type   'polypeptide(L)'
_entity_poly.pdbx_seq_one_letter_code
;QQEATEVRPEQKMPTLLRVYIDGPHGMGKTTTTQLLVALGSRDDIVYVPEPMTYWRVLGASETIANIYTTQHRLDQGEIS
AGDAAVVMTSAQITMGMPYAVTDAVLAPHIGGEAGSSHAPPPALTLIFDRHPIAALLCYPAARYLMGSMTPQAVLAFVAL
IPPTLPGTNIVLGALPEDRHIDRLAKRQRPGERLDLAMLAAIRRVYGLLANTVRYLQCGGSWREDWGQLSGTAVPPQGAE
PQSNAGPRPHIGDTLFTLFRAPELLAPNGDLYNVFAWALDVLAKRLRSMHVFILDYDQSPAGCRDALLQLTSGMVQTHVT
TPGSIPTICDLARTFAREMGEAN
;
_entity_poly.pdbx_strand_id   A
#
# COMPACT_ATOMS: atom_id res chain seq x y z
N MET A 13 -8.14 25.94 15.33
CA MET A 13 -8.16 24.96 14.21
C MET A 13 -7.75 23.57 14.68
N PRO A 14 -8.62 22.57 14.49
CA PRO A 14 -8.31 21.20 14.90
C PRO A 14 -7.39 20.51 13.90
N THR A 15 -6.75 19.45 14.35
CA THR A 15 -5.85 18.72 13.48
C THR A 15 -6.18 17.24 13.45
N LEU A 16 -5.95 16.65 12.30
CA LEU A 16 -6.20 15.25 12.06
C LEU A 16 -4.84 14.64 11.81
N LEU A 17 -4.65 13.41 12.27
CA LEU A 17 -3.41 12.70 12.04
C LEU A 17 -3.87 11.46 11.29
N ARG A 18 -3.22 11.16 10.18
CA ARG A 18 -3.59 9.98 9.38
C ARG A 18 -2.39 9.08 9.21
N VAL A 19 -2.52 7.84 9.68
CA VAL A 19 -1.45 6.85 9.60
C VAL A 19 -1.88 5.65 8.75
N TYR A 20 -1.04 5.24 7.82
CA TYR A 20 -1.36 4.12 6.97
C TYR A 20 -0.39 3.00 7.26
N ILE A 21 -0.86 1.98 7.97
CA ILE A 21 0.01 0.85 8.27
C ILE A 21 -0.04 -0.01 7.01
N ASP A 22 1.13 -0.31 6.44
CA ASP A 22 1.21 -1.10 5.23
C ASP A 22 2.39 -2.04 5.26
N GLY A 23 2.75 -2.55 4.08
CA GLY A 23 3.85 -3.49 3.98
C GLY A 23 3.27 -4.84 3.62
N PRO A 24 4.11 -5.81 3.30
CA PRO A 24 3.71 -7.18 2.93
C PRO A 24 2.85 -7.82 4.00
N HIS A 25 1.96 -8.71 3.59
CA HIS A 25 1.04 -9.39 4.52
C HIS A 25 1.66 -10.38 5.49
N GLY A 26 1.01 -10.54 6.65
CA GLY A 26 1.44 -11.47 7.68
C GLY A 26 2.72 -11.10 8.38
N MET A 27 2.79 -9.85 8.84
CA MET A 27 3.98 -9.32 9.48
C MET A 27 3.67 -8.93 10.92
N GLY A 28 2.39 -8.66 11.19
CA GLY A 28 1.99 -8.27 12.53
C GLY A 28 1.26 -6.96 12.47
N LYS A 29 0.92 -6.52 11.26
CA LYS A 29 0.21 -5.26 11.06
C LYS A 29 -1.10 -5.22 11.84
N THR A 30 -1.91 -6.26 11.74
CA THR A 30 -3.18 -6.27 12.47
C THR A 30 -2.91 -6.40 13.96
N THR A 31 -2.11 -7.40 14.34
CA THR A 31 -1.76 -7.65 15.73
C THR A 31 -1.25 -6.41 16.47
N THR A 32 -0.40 -5.62 15.82
CA THR A 32 0.16 -4.44 16.47
C THR A 32 -0.74 -3.19 16.54
N THR A 33 -1.60 -2.98 15.55
CA THR A 33 -2.48 -1.80 15.59
C THR A 33 -3.66 -2.03 16.52
N GLN A 34 -4.15 -3.26 16.60
CA GLN A 34 -5.26 -3.56 17.47
C GLN A 34 -4.85 -3.38 18.93
N LEU A 35 -3.56 -3.52 19.21
CA LEU A 35 -3.03 -3.31 20.55
C LEU A 35 -2.88 -1.81 20.75
N LEU A 36 -2.48 -1.13 19.68
CA LEU A 36 -2.29 0.32 19.70
C LEU A 36 -3.59 0.97 20.12
N VAL A 37 -4.68 0.60 19.47
CA VAL A 37 -5.97 1.18 19.81
C VAL A 37 -6.48 0.65 21.15
N ALA A 38 -5.87 -0.44 21.64
CA ALA A 38 -6.28 -1.03 22.91
C ALA A 38 -5.60 -0.46 24.15
N LEU A 39 -5.29 0.84 24.13
CA LEU A 39 -4.67 1.48 25.28
C LEU A 39 -5.71 2.31 26.01
N GLY A 40 -6.96 2.22 25.55
CA GLY A 40 -8.04 2.98 26.15
C GLY A 40 -7.88 4.46 25.84
N SER A 41 -7.34 4.73 24.64
CA SER A 41 -7.07 6.10 24.20
C SER A 41 -8.31 6.88 23.75
N ARG A 42 -9.23 7.08 24.69
CA ARG A 42 -10.47 7.80 24.45
C ARG A 42 -11.12 7.45 23.11
N ASP A 43 -11.77 8.44 22.52
CA ASP A 43 -12.45 8.31 21.24
C ASP A 43 -11.67 9.09 20.20
N ASP A 44 -10.44 9.49 20.53
CA ASP A 44 -9.63 10.25 19.60
C ASP A 44 -8.82 9.37 18.64
N ILE A 45 -8.85 8.05 18.85
CA ILE A 45 -8.14 7.12 17.96
C ILE A 45 -9.09 6.11 17.33
N VAL A 46 -9.11 6.09 16.00
CA VAL A 46 -9.97 5.19 15.24
C VAL A 46 -9.13 4.30 14.33
N TYR A 47 -9.52 3.04 14.24
CA TYR A 47 -8.85 2.04 13.42
C TYR A 47 -9.74 1.66 12.25
N VAL A 48 -9.23 1.82 11.04
CA VAL A 48 -9.96 1.44 9.83
C VAL A 48 -9.36 0.09 9.39
N PRO A 49 -10.12 -1.00 9.56
CA PRO A 49 -9.74 -2.36 9.24
C PRO A 49 -9.80 -2.73 7.77
N GLU A 50 -9.10 -3.82 7.48
CA GLU A 50 -9.05 -4.40 6.15
C GLU A 50 -10.50 -4.74 5.78
N PRO A 51 -10.97 -4.29 4.62
CA PRO A 51 -12.33 -4.54 4.16
C PRO A 51 -12.54 -5.95 3.58
N MET A 52 -12.37 -6.96 4.44
CA MET A 52 -12.52 -8.36 4.06
C MET A 52 -13.90 -8.69 3.55
N THR A 53 -14.93 -8.12 4.17
CA THR A 53 -16.28 -8.37 3.73
C THR A 53 -16.53 -7.87 2.32
N TYR A 54 -15.86 -6.79 1.93
CA TYR A 54 -16.06 -6.30 0.57
C TYR A 54 -15.42 -7.31 -0.37
N TRP A 55 -14.20 -7.72 -0.03
CA TRP A 55 -13.45 -8.67 -0.85
C TRP A 55 -14.10 -10.03 -0.97
N ARG A 56 -14.69 -10.50 0.12
CA ARG A 56 -15.29 -11.82 0.13
C ARG A 56 -16.72 -11.90 -0.25
N VAL A 57 -17.44 -10.81 -0.13
CA VAL A 57 -18.87 -10.86 -0.41
C VAL A 57 -19.40 -9.73 -1.28
N LEU A 58 -19.35 -8.53 -0.75
CA LEU A 58 -19.87 -7.34 -1.39
C LEU A 58 -19.41 -7.05 -2.81
N GLY A 59 -18.11 -7.02 -3.01
CA GLY A 59 -17.55 -6.69 -4.32
C GLY A 59 -17.58 -7.83 -5.32
N ALA A 60 -17.37 -9.03 -4.81
CA ALA A 60 -17.35 -10.27 -5.59
C ALA A 60 -17.09 -11.36 -4.57
N SER A 61 -17.23 -12.62 -4.96
CA SER A 61 -17.04 -13.69 -3.99
C SER A 61 -15.66 -14.29 -3.89
N GLU A 62 -15.18 -14.34 -2.66
CA GLU A 62 -13.88 -14.90 -2.33
C GLU A 62 -12.79 -14.47 -3.30
N THR A 63 -12.56 -13.17 -3.35
CA THR A 63 -11.54 -12.63 -4.24
C THR A 63 -10.14 -13.07 -3.81
N ILE A 64 -9.86 -13.04 -2.52
CA ILE A 64 -8.53 -13.45 -2.10
C ILE A 64 -8.25 -14.87 -2.58
N ALA A 65 -9.30 -15.69 -2.57
CA ALA A 65 -9.24 -17.08 -3.03
C ALA A 65 -8.99 -17.10 -4.53
N ASN A 66 -9.75 -16.28 -5.24
CA ASN A 66 -9.65 -16.15 -6.68
C ASN A 66 -8.19 -15.91 -7.07
N ILE A 67 -7.56 -14.94 -6.41
CA ILE A 67 -6.17 -14.60 -6.68
C ILE A 67 -5.19 -15.75 -6.45
N TYR A 68 -5.18 -16.30 -5.24
CA TYR A 68 -4.28 -17.39 -4.90
C TYR A 68 -4.51 -18.66 -5.74
N THR A 69 -5.76 -18.91 -6.11
CA THR A 69 -6.10 -20.06 -6.94
C THR A 69 -5.52 -19.81 -8.32
N THR A 70 -5.84 -18.65 -8.88
CA THR A 70 -5.38 -18.25 -10.22
C THR A 70 -3.86 -18.26 -10.40
N GLN A 71 -3.12 -17.88 -9.37
CA GLN A 71 -1.67 -17.90 -9.49
C GLN A 71 -1.26 -19.36 -9.50
N HIS A 72 -1.95 -20.16 -8.69
CA HIS A 72 -1.65 -21.59 -8.60
C HIS A 72 -1.83 -22.29 -9.94
N ARG A 73 -3.04 -22.25 -10.48
CA ARG A 73 -3.29 -22.87 -11.78
C ARG A 73 -2.25 -22.40 -12.78
N LEU A 74 -1.96 -21.11 -12.80
CA LEU A 74 -0.95 -20.60 -13.72
C LEU A 74 0.36 -21.35 -13.50
N ASP A 75 0.83 -21.41 -12.25
CA ASP A 75 2.08 -22.11 -11.92
C ASP A 75 2.07 -23.59 -12.32
N GLN A 76 0.91 -24.23 -12.23
CA GLN A 76 0.75 -25.64 -12.61
C GLN A 76 0.54 -25.77 -14.12
N GLY A 77 0.70 -24.67 -14.85
CA GLY A 77 0.54 -24.69 -16.29
C GLY A 77 -0.87 -25.06 -16.73
N GLU A 78 -1.88 -24.65 -15.97
CA GLU A 78 -3.23 -25.00 -16.34
C GLU A 78 -3.97 -23.86 -17.01
N ILE A 79 -3.35 -22.69 -17.06
CA ILE A 79 -3.90 -21.51 -17.73
C ILE A 79 -2.74 -20.73 -18.32
N SER A 80 -2.99 -19.93 -19.35
CA SER A 80 -1.92 -19.16 -19.95
C SER A 80 -1.69 -17.91 -19.12
N ALA A 81 -0.52 -17.30 -19.29
CA ALA A 81 -0.23 -16.06 -18.59
C ALA A 81 -1.30 -15.03 -18.95
N GLY A 82 -1.78 -15.12 -20.19
CA GLY A 82 -2.83 -14.21 -20.64
C GLY A 82 -4.08 -14.33 -19.80
N ASP A 83 -4.55 -15.55 -19.58
CA ASP A 83 -5.77 -15.79 -18.80
C ASP A 83 -5.56 -15.42 -17.35
N ALA A 84 -4.35 -15.63 -16.85
CA ALA A 84 -4.04 -15.31 -15.46
C ALA A 84 -4.18 -13.81 -15.33
N ALA A 85 -3.46 -13.09 -16.18
CA ALA A 85 -3.45 -11.63 -16.19
C ALA A 85 -4.82 -10.99 -16.18
N VAL A 86 -5.73 -11.51 -16.99
CA VAL A 86 -7.07 -10.92 -17.04
C VAL A 86 -7.75 -11.02 -15.69
N VAL A 87 -7.75 -12.21 -15.11
CA VAL A 87 -8.36 -12.46 -13.81
C VAL A 87 -7.70 -11.64 -12.72
N MET A 88 -6.38 -11.72 -12.67
CA MET A 88 -5.61 -10.98 -11.68
C MET A 88 -5.99 -9.49 -11.71
N THR A 89 -6.02 -8.91 -12.91
CA THR A 89 -6.38 -7.50 -13.05
C THR A 89 -7.74 -7.18 -12.46
N SER A 90 -8.82 -7.81 -12.94
CA SER A 90 -10.14 -7.51 -12.40
C SER A 90 -10.20 -7.76 -10.90
N ALA A 91 -9.45 -8.76 -10.44
CA ALA A 91 -9.41 -9.10 -9.02
C ALA A 91 -8.92 -7.89 -8.25
N GLN A 92 -7.77 -7.38 -8.65
CA GLN A 92 -7.15 -6.23 -8.01
C GLN A 92 -8.04 -4.99 -7.99
N ILE A 93 -8.70 -4.69 -9.10
CA ILE A 93 -9.61 -3.54 -9.14
C ILE A 93 -10.54 -3.71 -7.95
N THR A 94 -11.06 -4.92 -7.78
CA THR A 94 -11.97 -5.22 -6.69
C THR A 94 -11.30 -5.06 -5.31
N MET A 95 -10.06 -5.50 -5.19
CA MET A 95 -9.34 -5.41 -3.93
C MET A 95 -9.21 -3.96 -3.43
N GLY A 96 -8.77 -3.08 -4.30
CA GLY A 96 -8.60 -1.69 -3.92
C GLY A 96 -9.81 -0.76 -3.95
N MET A 97 -10.93 -1.18 -4.52
CA MET A 97 -12.08 -0.30 -4.58
C MET A 97 -12.42 0.37 -3.26
N PRO A 98 -12.49 -0.37 -2.15
CA PRO A 98 -12.80 0.27 -0.88
C PRO A 98 -11.76 1.33 -0.52
N TYR A 99 -10.53 1.10 -0.92
CA TYR A 99 -9.46 2.03 -0.65
C TYR A 99 -9.75 3.33 -1.41
N ALA A 100 -9.91 3.21 -2.72
CA ALA A 100 -10.19 4.35 -3.58
C ALA A 100 -11.38 5.21 -3.13
N VAL A 101 -12.56 4.61 -2.96
CA VAL A 101 -13.72 5.37 -2.55
C VAL A 101 -13.55 6.10 -1.22
N THR A 102 -12.87 5.50 -0.26
CA THR A 102 -12.66 6.15 1.03
C THR A 102 -11.81 7.41 0.83
N ASP A 103 -10.65 7.23 0.23
CA ASP A 103 -9.74 8.34 -0.05
C ASP A 103 -10.48 9.43 -0.83
N ALA A 104 -11.37 9.02 -1.73
CA ALA A 104 -12.13 9.95 -2.56
C ALA A 104 -13.05 10.85 -1.76
N VAL A 105 -13.65 10.32 -0.69
CA VAL A 105 -14.54 11.16 0.10
C VAL A 105 -13.81 11.87 1.23
N LEU A 106 -12.61 11.40 1.53
CA LEU A 106 -11.79 11.98 2.57
C LEU A 106 -11.01 13.19 2.02
N ALA A 107 -10.93 13.29 0.69
CA ALA A 107 -10.19 14.38 0.03
C ALA A 107 -10.61 15.80 0.37
N PRO A 108 -11.90 16.11 0.19
CA PRO A 108 -12.38 17.46 0.48
C PRO A 108 -12.28 17.95 1.93
N HIS A 109 -11.82 17.11 2.86
CA HIS A 109 -11.68 17.51 4.25
C HIS A 109 -10.26 17.67 4.70
N ILE A 110 -9.30 17.31 3.85
CA ILE A 110 -7.89 17.41 4.20
C ILE A 110 -7.28 18.69 3.71
N GLY A 111 -6.81 19.49 4.65
CA GLY A 111 -6.16 20.75 4.35
C GLY A 111 -4.66 20.60 4.45
N GLY A 112 -3.95 21.73 4.43
CA GLY A 112 -2.50 21.73 4.50
C GLY A 112 -1.90 21.06 5.71
N GLU A 113 -0.61 20.79 5.60
CA GLU A 113 0.14 20.15 6.68
C GLU A 113 0.43 21.13 7.81
N ALA A 114 0.07 20.75 9.02
CA ALA A 114 0.29 21.58 10.19
C ALA A 114 1.50 21.05 10.96
N GLY A 115 2.65 21.08 10.32
CA GLY A 115 3.87 20.61 10.95
C GLY A 115 3.84 19.15 11.34
N SER A 116 4.13 18.86 12.61
CA SER A 116 4.16 17.49 13.11
C SER A 116 3.07 17.27 14.15
N PRO A 120 1.46 18.94 19.52
CA PRO A 120 0.25 19.56 18.97
C PRO A 120 -0.85 18.48 18.85
N PRO A 121 -1.60 18.23 19.93
CA PRO A 121 -2.70 17.25 20.03
C PRO A 121 -3.66 17.05 18.83
N PRO A 122 -3.47 15.95 18.07
CA PRO A 122 -4.33 15.63 16.92
C PRO A 122 -5.68 15.33 17.53
N ALA A 123 -6.68 16.10 17.13
CA ALA A 123 -8.04 16.00 17.65
C ALA A 123 -8.57 14.60 17.40
N LEU A 124 -8.14 14.00 16.29
CA LEU A 124 -8.54 12.67 15.86
C LEU A 124 -7.36 12.02 15.16
N THR A 125 -7.25 10.70 15.30
CA THR A 125 -6.17 9.93 14.69
C THR A 125 -6.73 8.72 13.97
N LEU A 126 -6.57 8.67 12.65
CA LEU A 126 -7.05 7.53 11.89
C LEU A 126 -5.91 6.56 11.60
N ILE A 127 -6.05 5.32 12.03
CA ILE A 127 -5.04 4.30 11.76
C ILE A 127 -5.66 3.41 10.69
N PHE A 128 -5.21 3.59 9.46
CA PHE A 128 -5.71 2.81 8.34
C PHE A 128 -4.95 1.52 8.16
N ASP A 129 -5.66 0.50 7.67
CA ASP A 129 -5.02 -0.76 7.36
C ASP A 129 -4.82 -0.78 5.85
N ARG A 130 -3.63 -0.36 5.46
CA ARG A 130 -3.21 -0.28 4.06
C ARG A 130 -3.65 1.01 3.38
N HIS A 131 -2.79 1.49 2.48
CA HIS A 131 -3.02 2.70 1.72
C HIS A 131 -3.36 2.27 0.27
N PRO A 132 -4.11 3.09 -0.47
CA PRO A 132 -4.48 2.79 -1.85
C PRO A 132 -3.37 2.22 -2.72
N ILE A 133 -2.13 2.66 -2.53
CA ILE A 133 -1.03 2.15 -3.34
C ILE A 133 -0.84 0.65 -3.22
N ALA A 134 -1.28 0.07 -2.11
CA ALA A 134 -1.13 -1.38 -1.87
C ALA A 134 -1.81 -2.21 -2.97
N ALA A 135 -3.05 -1.87 -3.28
CA ALA A 135 -3.83 -2.55 -4.29
C ALA A 135 -3.64 -1.97 -5.70
N LEU A 136 -3.37 -0.66 -5.80
CA LEU A 136 -3.16 0.02 -7.08
C LEU A 136 -1.74 -0.02 -7.63
N LEU A 137 -0.76 -0.29 -6.76
CA LEU A 137 0.63 -0.36 -7.20
C LEU A 137 1.41 -1.54 -6.67
N CYS A 138 1.52 -1.63 -5.35
CA CYS A 138 2.29 -2.70 -4.73
C CYS A 138 1.98 -4.13 -5.10
N TYR A 139 0.73 -4.57 -4.93
CA TYR A 139 0.41 -5.96 -5.30
C TYR A 139 0.46 -6.24 -6.80
N PRO A 140 -0.08 -5.34 -7.62
CA PRO A 140 -0.02 -5.61 -9.06
C PRO A 140 1.43 -5.83 -9.49
N ALA A 141 2.34 -4.99 -9.01
CA ALA A 141 3.74 -5.10 -9.36
C ALA A 141 4.33 -6.45 -8.94
N ALA A 142 3.86 -7.01 -7.84
CA ALA A 142 4.33 -8.32 -7.41
C ALA A 142 3.81 -9.37 -8.38
N ARG A 143 2.52 -9.32 -8.71
CA ARG A 143 1.94 -10.26 -9.63
C ARG A 143 2.68 -10.15 -10.96
N TYR A 144 3.01 -8.93 -11.35
CA TYR A 144 3.76 -8.73 -12.56
C TYR A 144 5.04 -9.56 -12.43
N LEU A 145 5.69 -9.51 -11.27
CA LEU A 145 6.92 -10.28 -11.03
C LEU A 145 6.65 -11.77 -11.03
N MET A 146 5.45 -12.15 -10.60
CA MET A 146 5.05 -13.55 -10.55
C MET A 146 4.58 -14.03 -11.91
N GLY A 147 4.50 -13.12 -12.88
CA GLY A 147 4.07 -13.52 -14.20
C GLY A 147 2.58 -13.56 -14.43
N SER A 148 1.80 -13.15 -13.43
CA SER A 148 0.36 -13.16 -13.55
C SER A 148 -0.26 -11.78 -13.85
N MET A 149 0.59 -10.81 -14.17
CA MET A 149 0.15 -9.44 -14.44
C MET A 149 1.08 -8.84 -15.50
N THR A 150 0.54 -8.07 -16.43
CA THR A 150 1.37 -7.45 -17.47
C THR A 150 1.86 -6.07 -17.01
N PRO A 151 3.04 -5.62 -17.51
CA PRO A 151 3.50 -4.30 -17.06
C PRO A 151 2.53 -3.20 -17.49
N GLN A 152 1.93 -3.31 -18.67
CA GLN A 152 0.99 -2.29 -19.10
C GLN A 152 -0.20 -2.26 -18.15
N ALA A 153 -0.57 -3.42 -17.60
CA ALA A 153 -1.69 -3.48 -16.67
C ALA A 153 -1.32 -2.72 -15.41
N VAL A 154 -0.11 -2.92 -14.93
CA VAL A 154 0.39 -2.25 -13.73
C VAL A 154 0.38 -0.74 -13.90
N LEU A 155 0.96 -0.24 -14.98
CA LEU A 155 1.02 1.20 -15.24
C LEU A 155 -0.36 1.82 -15.41
N ALA A 156 -1.36 1.00 -15.73
CA ALA A 156 -2.71 1.53 -15.88
C ALA A 156 -3.24 1.86 -14.49
N PHE A 157 -2.94 1.00 -13.52
CA PHE A 157 -3.34 1.23 -12.13
C PHE A 157 -2.59 2.45 -11.63
N VAL A 158 -1.29 2.50 -11.93
CA VAL A 158 -0.45 3.63 -11.52
C VAL A 158 -1.06 4.95 -12.00
N ALA A 159 -1.40 5.03 -13.29
CA ALA A 159 -1.99 6.24 -13.82
C ALA A 159 -3.28 6.60 -13.10
N LEU A 160 -3.88 5.63 -12.40
CA LEU A 160 -5.12 5.87 -11.69
C LEU A 160 -4.98 6.16 -10.19
N ILE A 161 -3.74 6.12 -9.68
CA ILE A 161 -3.52 6.40 -8.27
C ILE A 161 -3.94 7.84 -7.96
N PRO A 162 -4.82 8.01 -6.97
CA PRO A 162 -5.30 9.34 -6.61
C PRO A 162 -4.17 10.24 -6.11
N PRO A 163 -4.31 11.56 -6.29
CA PRO A 163 -3.32 12.55 -5.87
C PRO A 163 -3.00 12.33 -4.40
N THR A 164 -1.72 12.43 -4.05
CA THR A 164 -1.33 12.21 -2.67
C THR A 164 -1.81 13.36 -1.80
N LEU A 165 -2.63 13.04 -0.81
CA LEU A 165 -3.16 14.05 0.09
C LEU A 165 -2.11 14.47 1.12
N PRO A 166 -2.28 15.68 1.68
CA PRO A 166 -1.34 16.17 2.68
C PRO A 166 -1.38 15.27 3.90
N GLY A 167 -0.25 15.17 4.58
CA GLY A 167 -0.19 14.36 5.78
C GLY A 167 -0.34 12.87 5.60
N THR A 168 -0.02 12.37 4.40
CA THR A 168 -0.10 10.94 4.14
C THR A 168 1.11 10.29 4.79
N ASN A 169 0.92 9.73 5.98
CA ASN A 169 1.99 9.06 6.71
C ASN A 169 1.84 7.58 6.44
N ILE A 170 2.87 6.96 5.88
CA ILE A 170 2.85 5.54 5.58
C ILE A 170 3.89 4.80 6.39
N VAL A 171 3.46 3.82 7.18
CA VAL A 171 4.39 3.06 8.00
C VAL A 171 4.69 1.71 7.35
N LEU A 172 5.86 1.56 6.77
CA LEU A 172 6.20 0.27 6.21
C LEU A 172 6.90 -0.56 7.31
N GLY A 173 6.78 -1.88 7.25
CA GLY A 173 7.39 -2.72 8.26
C GLY A 173 8.69 -3.41 7.88
N ALA A 174 9.41 -3.87 8.89
CA ALA A 174 10.67 -4.58 8.68
C ALA A 174 10.67 -5.82 9.56
N LEU A 175 11.04 -6.95 8.97
CA LEU A 175 11.08 -8.23 9.66
C LEU A 175 11.84 -9.22 8.78
N PRO A 176 12.85 -9.90 9.34
CA PRO A 176 13.65 -10.87 8.57
C PRO A 176 12.78 -11.93 7.88
N GLU A 177 13.27 -12.44 6.76
CA GLU A 177 12.51 -13.43 6.00
C GLU A 177 12.03 -14.61 6.81
N ASP A 178 12.94 -15.22 7.56
CA ASP A 178 12.61 -16.38 8.40
C ASP A 178 11.48 -16.14 9.39
N ARG A 179 11.54 -15.04 10.12
CA ARG A 179 10.49 -14.73 11.08
C ARG A 179 9.18 -14.39 10.38
N HIS A 180 9.29 -13.83 9.18
CA HIS A 180 8.11 -13.47 8.42
C HIS A 180 7.34 -14.71 7.98
N ILE A 181 8.07 -15.69 7.47
CA ILE A 181 7.49 -16.94 7.01
C ILE A 181 6.72 -17.60 8.13
N ASP A 182 7.32 -17.68 9.31
CA ASP A 182 6.66 -18.27 10.47
C ASP A 182 5.33 -17.60 10.76
N ARG A 183 5.36 -16.28 10.87
CA ARG A 183 4.14 -15.52 11.15
C ARG A 183 3.15 -15.66 9.99
N LEU A 184 3.69 -15.84 8.79
CA LEU A 184 2.86 -15.99 7.60
C LEU A 184 2.05 -17.28 7.70
N ALA A 185 2.69 -18.30 8.27
CA ALA A 185 2.05 -19.59 8.47
C ALA A 185 0.90 -19.49 9.46
N LYS A 186 1.16 -18.90 10.61
CA LYS A 186 0.15 -18.78 11.67
C LYS A 186 -1.14 -18.08 11.27
N ARG A 187 -1.06 -17.14 10.33
CA ARG A 187 -2.25 -16.40 9.91
C ARG A 187 -2.50 -16.44 8.41
N GLN A 188 -3.43 -17.30 8.00
CA GLN A 188 -3.78 -17.42 6.60
C GLN A 188 -5.20 -16.93 6.36
N ARG A 189 -5.33 -15.81 5.65
CA ARG A 189 -6.63 -15.23 5.33
C ARG A 189 -7.48 -16.26 4.59
N PRO A 190 -8.81 -16.18 4.75
CA PRO A 190 -9.76 -17.12 4.10
C PRO A 190 -9.58 -17.19 2.59
N GLY A 191 -8.97 -18.28 2.14
CA GLY A 191 -8.75 -18.48 0.72
C GLY A 191 -7.31 -18.30 0.26
N GLU A 192 -6.40 -18.00 1.19
CA GLU A 192 -5.00 -17.84 0.87
C GLU A 192 -4.35 -19.19 0.69
N ARG A 193 -3.16 -19.19 0.09
CA ARG A 193 -2.36 -20.38 -0.15
C ARG A 193 -0.94 -19.95 0.16
N LEU A 194 -0.22 -20.74 0.92
CA LEU A 194 1.15 -20.36 1.24
C LEU A 194 1.95 -20.33 -0.05
N ASP A 195 2.40 -19.14 -0.43
CA ASP A 195 3.17 -18.97 -1.65
C ASP A 195 4.41 -18.15 -1.28
N LEU A 196 5.56 -18.81 -1.12
CA LEU A 196 6.79 -18.09 -0.76
C LEU A 196 7.29 -17.21 -1.91
N ALA A 197 7.07 -17.65 -3.14
CA ALA A 197 7.49 -16.83 -4.28
C ALA A 197 6.79 -15.47 -4.18
N MET A 198 5.52 -15.48 -3.81
CA MET A 198 4.80 -14.25 -3.66
C MET A 198 5.34 -13.50 -2.46
N LEU A 199 5.67 -14.22 -1.40
CA LEU A 199 6.20 -13.59 -0.21
C LEU A 199 7.46 -12.83 -0.59
N ALA A 200 8.27 -13.40 -1.47
CA ALA A 200 9.50 -12.73 -1.85
C ALA A 200 9.23 -11.56 -2.76
N ALA A 201 8.31 -11.72 -3.71
CA ALA A 201 8.01 -10.65 -4.63
C ALA A 201 7.39 -9.47 -3.87
N ILE A 202 6.44 -9.76 -2.99
CA ILE A 202 5.77 -8.71 -2.25
C ILE A 202 6.79 -7.98 -1.38
N ARG A 203 7.71 -8.72 -0.78
CA ARG A 203 8.72 -8.13 0.07
C ARG A 203 9.63 -7.21 -0.74
N ARG A 204 10.05 -7.67 -1.92
CA ARG A 204 10.93 -6.90 -2.80
C ARG A 204 10.27 -5.64 -3.30
N VAL A 205 9.01 -5.72 -3.67
CA VAL A 205 8.30 -4.56 -4.17
C VAL A 205 8.27 -3.47 -3.10
N TYR A 206 7.90 -3.85 -1.88
CA TYR A 206 7.81 -2.90 -0.78
C TYR A 206 9.14 -2.27 -0.41
N GLY A 207 10.22 -3.00 -0.63
CA GLY A 207 11.53 -2.47 -0.35
C GLY A 207 11.80 -1.42 -1.42
N LEU A 208 11.59 -1.78 -2.69
CA LEU A 208 11.81 -0.86 -3.80
C LEU A 208 11.01 0.43 -3.60
N LEU A 209 9.80 0.32 -3.08
CA LEU A 209 8.95 1.48 -2.84
C LEU A 209 9.60 2.46 -1.88
N ALA A 210 9.94 1.98 -0.68
CA ALA A 210 10.57 2.84 0.33
C ALA A 210 11.78 3.54 -0.26
N ASN A 211 12.57 2.80 -1.03
CA ASN A 211 13.75 3.37 -1.67
C ASN A 211 13.36 4.43 -2.67
N THR A 212 12.31 4.17 -3.44
CA THR A 212 11.85 5.11 -4.44
C THR A 212 11.53 6.47 -3.80
N VAL A 213 10.88 6.42 -2.64
CA VAL A 213 10.51 7.65 -1.91
C VAL A 213 11.77 8.40 -1.55
N ARG A 214 12.69 7.73 -0.86
CA ARG A 214 13.96 8.32 -0.47
C ARG A 214 14.66 8.89 -1.69
N TYR A 215 14.95 8.03 -2.67
CA TYR A 215 15.60 8.42 -3.92
C TYR A 215 15.00 9.72 -4.47
N LEU A 216 13.67 9.79 -4.53
CA LEU A 216 13.01 10.97 -5.04
C LEU A 216 13.23 12.18 -4.15
N GLN A 217 13.03 11.98 -2.85
CA GLN A 217 13.19 13.06 -1.85
C GLN A 217 14.61 13.60 -1.71
N CYS A 218 15.58 12.90 -2.29
CA CYS A 218 16.97 13.35 -2.29
C CYS A 218 17.31 13.90 -3.68
N GLY A 219 16.30 14.40 -4.38
CA GLY A 219 16.52 14.96 -5.70
C GLY A 219 16.60 13.98 -6.86
N GLY A 220 16.02 12.79 -6.68
CA GLY A 220 16.05 11.82 -7.75
C GLY A 220 15.17 12.19 -8.93
N SER A 221 15.65 11.91 -10.13
CA SER A 221 14.90 12.16 -11.35
C SER A 221 15.06 10.93 -12.23
N TRP A 222 14.01 10.10 -12.28
CA TRP A 222 14.07 8.86 -13.07
C TRP A 222 14.49 9.06 -14.54
N ARG A 223 14.18 10.24 -15.09
CA ARG A 223 14.54 10.49 -16.48
C ARG A 223 16.03 10.68 -16.71
N GLU A 224 16.73 11.29 -15.77
CA GLU A 224 18.16 11.49 -15.94
C GLU A 224 18.96 10.26 -15.58
N ASP A 225 18.37 9.39 -14.77
CA ASP A 225 19.04 8.19 -14.36
C ASP A 225 18.67 6.95 -15.17
N TRP A 226 17.70 7.10 -16.06
CA TRP A 226 17.24 5.98 -16.87
C TRP A 226 18.37 5.23 -17.57
N GLY A 227 19.39 5.96 -17.99
CA GLY A 227 20.49 5.33 -18.69
C GLY A 227 21.25 4.34 -17.82
N GLN A 228 21.25 4.56 -16.52
CA GLN A 228 21.96 3.65 -15.62
C GLN A 228 21.32 2.27 -15.60
N LEU A 229 20.03 2.22 -15.89
CA LEU A 229 19.30 0.96 -15.94
C LEU A 229 19.63 0.35 -17.28
N SER A 230 19.59 1.21 -18.31
CA SER A 230 19.87 0.84 -19.70
C SER A 230 21.31 0.35 -19.93
N GLY A 231 21.66 -0.72 -19.21
CA GLY A 231 22.98 -1.30 -19.31
C GLY A 231 22.90 -2.71 -18.79
N PRO A 247 22.18 4.55 1.88
CA PRO A 247 21.02 5.43 2.12
C PRO A 247 20.87 6.48 1.01
N ARG A 248 21.71 6.37 -0.01
CA ARG A 248 21.61 7.27 -1.14
C ARG A 248 21.34 6.21 -2.20
N PRO A 249 20.09 5.72 -2.26
CA PRO A 249 19.71 4.68 -3.21
C PRO A 249 19.74 5.24 -4.60
N HIS A 250 20.33 4.48 -5.50
CA HIS A 250 20.37 4.87 -6.91
C HIS A 250 19.14 4.36 -7.64
N ILE A 251 18.93 4.78 -8.87
CA ILE A 251 17.75 4.36 -9.61
C ILE A 251 17.52 2.87 -9.59
N GLY A 252 18.59 2.12 -9.82
CA GLY A 252 18.49 0.67 -9.83
C GLY A 252 17.84 0.03 -8.61
N ASP A 253 17.82 0.72 -7.48
CA ASP A 253 17.23 0.19 -6.26
C ASP A 253 15.80 0.65 -6.07
N THR A 254 15.19 1.18 -7.11
CA THR A 254 13.84 1.68 -6.98
C THR A 254 12.87 0.94 -7.86
N LEU A 255 11.58 1.19 -7.64
CA LEU A 255 10.52 0.58 -8.43
C LEU A 255 10.72 0.78 -9.94
N PHE A 256 11.39 1.85 -10.35
CA PHE A 256 11.58 2.12 -11.77
C PHE A 256 12.22 0.98 -12.55
N THR A 257 13.07 0.19 -11.90
CA THR A 257 13.72 -0.93 -12.59
C THR A 257 12.72 -1.93 -13.18
N LEU A 258 11.62 -2.16 -12.47
CA LEU A 258 10.62 -3.10 -12.93
C LEU A 258 10.10 -2.73 -14.32
N PHE A 259 9.90 -1.44 -14.55
CA PHE A 259 9.34 -1.01 -15.80
C PHE A 259 10.23 -0.91 -17.01
N ARG A 260 11.42 -1.47 -16.91
CA ARG A 260 12.30 -1.48 -18.07
C ARG A 260 12.13 -2.85 -18.73
N ALA A 261 10.92 -3.10 -19.20
CA ALA A 261 10.58 -4.35 -19.85
C ALA A 261 10.44 -4.14 -21.37
N PRO A 262 10.72 -5.18 -22.17
CA PRO A 262 10.63 -5.09 -23.64
C PRO A 262 9.28 -4.68 -24.17
N GLU A 263 8.22 -5.09 -23.49
CA GLU A 263 6.86 -4.76 -23.90
C GLU A 263 6.62 -3.26 -23.87
N LEU A 264 7.40 -2.57 -23.03
CA LEU A 264 7.31 -1.14 -22.82
C LEU A 264 8.32 -0.30 -23.58
N LEU A 265 9.30 -0.94 -24.20
CA LEU A 265 10.34 -0.24 -24.93
C LEU A 265 10.08 -0.07 -26.42
N ALA A 266 10.27 1.15 -26.90
CA ALA A 266 10.09 1.45 -28.31
C ALA A 266 11.28 0.82 -29.02
N PRO A 267 11.26 0.80 -30.37
CA PRO A 267 12.39 0.22 -31.11
C PRO A 267 13.71 0.95 -30.86
N ASN A 268 13.63 2.25 -30.61
CA ASN A 268 14.84 3.04 -30.33
C ASN A 268 15.38 2.92 -28.90
N GLY A 269 14.87 1.96 -28.13
CA GLY A 269 15.35 1.75 -26.77
C GLY A 269 14.82 2.62 -25.64
N ASP A 270 13.90 3.53 -25.94
CA ASP A 270 13.35 4.40 -24.91
C ASP A 270 11.97 3.89 -24.64
N LEU A 271 11.43 4.21 -23.46
CA LEU A 271 10.06 3.82 -23.15
C LEU A 271 9.17 4.64 -24.08
N TYR A 272 7.97 4.17 -24.34
CA TYR A 272 7.07 4.94 -25.17
C TYR A 272 6.61 6.06 -24.27
N ASN A 273 6.17 7.15 -24.88
CA ASN A 273 5.73 8.29 -24.10
C ASN A 273 4.59 8.03 -23.12
N VAL A 274 3.65 7.15 -23.48
CA VAL A 274 2.54 6.84 -22.58
C VAL A 274 3.14 6.29 -21.29
N PHE A 275 3.96 5.26 -21.46
CA PHE A 275 4.58 4.61 -20.34
C PHE A 275 5.51 5.51 -19.54
N ALA A 276 6.15 6.47 -20.20
CA ALA A 276 7.03 7.38 -19.50
C ALA A 276 6.18 8.30 -18.61
N TRP A 277 5.10 8.84 -19.18
CA TRP A 277 4.24 9.71 -18.42
C TRP A 277 3.69 9.01 -17.19
N ALA A 278 3.45 7.71 -17.30
CA ALA A 278 2.93 6.95 -16.18
C ALA A 278 3.97 6.95 -15.06
N LEU A 279 5.22 6.70 -15.44
CA LEU A 279 6.28 6.73 -14.45
C LEU A 279 6.34 8.16 -13.87
N ASP A 280 6.12 9.17 -14.71
CA ASP A 280 6.11 10.55 -14.22
C ASP A 280 5.06 10.65 -13.09
N VAL A 281 3.85 10.19 -13.38
CA VAL A 281 2.78 10.23 -12.39
C VAL A 281 3.17 9.40 -11.17
N LEU A 282 3.92 8.32 -11.38
CA LEU A 282 4.35 7.49 -10.25
C LEU A 282 5.16 8.40 -9.33
N ALA A 283 6.17 9.06 -9.91
CA ALA A 283 7.06 9.96 -9.16
C ALA A 283 6.32 11.08 -8.43
N LYS A 284 5.38 11.73 -9.11
CA LYS A 284 4.61 12.81 -8.49
C LYS A 284 3.83 12.32 -7.28
N ARG A 285 3.35 11.07 -7.34
CA ARG A 285 2.55 10.54 -6.25
C ARG A 285 3.40 10.11 -5.08
N LEU A 286 4.47 9.40 -5.35
CA LEU A 286 5.34 8.94 -4.29
C LEU A 286 6.10 10.02 -3.55
N ARG A 287 6.54 11.03 -4.29
CA ARG A 287 7.34 12.14 -3.76
C ARG A 287 6.85 12.77 -2.46
N SER A 288 5.57 13.05 -2.38
CA SER A 288 4.99 13.70 -1.22
C SER A 288 4.45 12.80 -0.10
N MET A 289 4.97 11.58 0.00
CA MET A 289 4.53 10.65 1.03
C MET A 289 5.59 10.60 2.12
N HIS A 290 5.17 10.39 3.38
CA HIS A 290 6.10 10.31 4.51
C HIS A 290 6.16 8.87 4.94
N VAL A 291 7.27 8.17 4.65
CA VAL A 291 7.38 6.76 5.05
C VAL A 291 8.20 6.60 6.32
N PHE A 292 7.81 5.64 7.15
CA PHE A 292 8.48 5.34 8.40
C PHE A 292 8.61 3.82 8.38
N ILE A 293 9.60 3.29 9.08
CA ILE A 293 9.78 1.86 9.07
C ILE A 293 9.67 1.24 10.45
N LEU A 294 8.55 0.57 10.70
CA LEU A 294 8.31 -0.07 11.98
C LEU A 294 8.93 -1.44 11.97
N ASP A 295 9.78 -1.71 12.96
CA ASP A 295 10.43 -3.01 13.08
C ASP A 295 9.44 -3.94 13.76
N TYR A 296 9.18 -5.08 13.14
CA TYR A 296 8.24 -6.03 13.73
C TYR A 296 8.92 -7.16 14.49
N ASP A 297 10.23 -7.30 14.30
CA ASP A 297 11.02 -8.34 14.96
C ASP A 297 11.07 -8.11 16.47
N GLN A 298 9.92 -8.23 17.13
CA GLN A 298 9.80 -8.03 18.57
C GLN A 298 8.42 -8.46 19.04
N SER A 299 8.12 -8.26 20.31
CA SER A 299 6.83 -8.66 20.87
C SER A 299 5.72 -7.66 20.56
N PRO A 300 4.47 -8.16 20.49
CA PRO A 300 3.29 -7.33 20.22
C PRO A 300 3.26 -6.07 21.06
N ALA A 301 3.71 -6.16 22.30
CA ALA A 301 3.75 -5.01 23.20
C ALA A 301 4.74 -4.01 22.63
N GLY A 302 5.98 -4.48 22.43
CA GLY A 302 7.03 -3.63 21.89
C GLY A 302 6.59 -2.95 20.60
N CYS A 303 6.22 -3.75 19.61
CA CYS A 303 5.76 -3.23 18.32
C CYS A 303 4.73 -2.13 18.51
N ARG A 304 3.83 -2.34 19.47
CA ARG A 304 2.78 -1.38 19.74
C ARG A 304 3.41 -0.08 20.22
N ASP A 305 4.33 -0.21 21.17
CA ASP A 305 5.02 0.95 21.72
C ASP A 305 5.79 1.69 20.63
N ALA A 306 6.48 0.95 19.77
CA ALA A 306 7.25 1.56 18.70
C ALA A 306 6.34 2.33 17.74
N LEU A 307 5.20 1.76 17.40
CA LEU A 307 4.27 2.44 16.50
C LEU A 307 3.90 3.75 17.16
N LEU A 308 3.46 3.65 18.41
CA LEU A 308 3.07 4.78 19.21
C LEU A 308 4.19 5.80 19.25
N GLN A 309 5.42 5.32 19.36
CA GLN A 309 6.59 6.19 19.41
C GLN A 309 6.77 6.94 18.09
N LEU A 310 6.48 6.27 16.98
CA LEU A 310 6.61 6.87 15.67
C LEU A 310 5.59 7.98 15.49
N THR A 311 4.39 7.75 15.99
CA THR A 311 3.28 8.68 15.90
C THR A 311 3.67 10.12 16.25
N SER A 312 4.49 10.24 17.28
CA SER A 312 4.94 11.55 17.72
C SER A 312 5.50 12.37 16.57
N GLY A 313 6.28 11.72 15.71
CA GLY A 313 6.89 12.43 14.60
C GLY A 313 6.19 12.43 13.25
N MET A 314 4.88 12.17 13.24
CA MET A 314 4.14 12.15 11.98
C MET A 314 3.41 13.45 11.75
N VAL A 315 3.33 13.82 10.48
CA VAL A 315 2.67 15.04 10.04
C VAL A 315 1.15 15.07 10.28
N GLN A 316 0.65 16.20 10.78
CA GLN A 316 -0.78 16.39 11.01
C GLN A 316 -1.23 17.41 9.97
N THR A 317 -2.54 17.58 9.82
CA THR A 317 -3.07 18.52 8.84
C THR A 317 -4.35 19.10 9.40
N HIS A 318 -4.73 20.28 8.92
CA HIS A 318 -5.97 20.89 9.37
C HIS A 318 -7.09 20.35 8.51
N VAL A 319 -8.31 20.31 9.02
CA VAL A 319 -9.45 19.86 8.24
C VAL A 319 -10.08 21.09 7.60
N THR A 320 -10.75 20.92 6.47
CA THR A 320 -11.35 22.05 5.77
C THR A 320 -12.58 22.69 6.40
N THR A 321 -13.29 21.94 7.24
CA THR A 321 -14.48 22.50 7.87
C THR A 321 -14.53 22.04 9.30
N PRO A 322 -15.29 22.75 10.15
CA PRO A 322 -15.38 22.36 11.55
C PRO A 322 -16.07 20.99 11.64
N GLY A 323 -16.98 20.74 10.69
CA GLY A 323 -17.70 19.48 10.64
C GLY A 323 -16.91 18.30 10.13
N SER A 324 -15.75 18.57 9.54
CA SER A 324 -14.92 17.51 9.02
C SER A 324 -14.62 16.42 10.02
N ILE A 325 -14.11 16.77 11.20
CA ILE A 325 -13.77 15.76 12.20
C ILE A 325 -14.89 14.77 12.48
N PRO A 326 -16.10 15.25 12.81
CA PRO A 326 -17.20 14.31 13.07
C PRO A 326 -17.54 13.50 11.83
N THR A 327 -17.61 14.17 10.69
CA THR A 327 -17.92 13.52 9.43
C THR A 327 -16.92 12.41 9.14
N ILE A 328 -15.65 12.72 9.42
CA ILE A 328 -14.54 11.79 9.22
C ILE A 328 -14.56 10.67 10.25
N CYS A 329 -14.79 11.03 11.50
CA CYS A 329 -14.86 10.09 12.61
C CYS A 329 -15.93 9.05 12.27
N ASP A 330 -17.12 9.54 11.94
CA ASP A 330 -18.24 8.67 11.59
C ASP A 330 -17.95 7.84 10.33
N LEU A 331 -17.32 8.46 9.35
CA LEU A 331 -16.96 7.81 8.10
C LEU A 331 -16.21 6.53 8.42
N ALA A 332 -15.07 6.68 9.10
CA ALA A 332 -14.24 5.56 9.49
C ALA A 332 -15.07 4.51 10.19
N ARG A 333 -15.89 4.92 11.14
CA ARG A 333 -16.73 3.98 11.87
C ARG A 333 -17.64 3.18 10.97
N THR A 334 -18.26 3.86 10.02
CA THR A 334 -19.15 3.20 9.09
C THR A 334 -18.37 2.17 8.27
N PHE A 335 -17.22 2.57 7.72
CA PHE A 335 -16.40 1.67 6.93
C PHE A 335 -16.13 0.39 7.75
N ALA A 336 -15.46 0.58 8.88
CA ALA A 336 -15.10 -0.50 9.80
C ALA A 336 -16.24 -1.44 10.15
N ARG A 337 -17.40 -0.87 10.35
CA ARG A 337 -18.60 -1.62 10.71
C ARG A 337 -19.06 -2.49 9.55
N GLU A 338 -19.24 -1.86 8.40
CA GLU A 338 -19.75 -2.52 7.21
C GLU A 338 -18.80 -3.38 6.42
N MET A 339 -17.51 -3.13 6.51
CA MET A 339 -16.58 -3.89 5.72
C MET A 339 -15.46 -4.61 6.46
N GLY A 340 -15.47 -4.56 7.79
CA GLY A 340 -14.43 -5.23 8.53
C GLY A 340 -14.91 -6.59 9.00
N GLU A 341 -14.02 -7.57 9.04
CA GLU A 341 -14.46 -8.90 9.48
C GLU A 341 -14.43 -9.00 11.00
N ALA A 342 -13.31 -8.58 11.57
CA ALA A 342 -13.08 -8.59 13.00
C ALA A 342 -11.84 -7.73 13.18
N ASN A 343 -11.91 -6.54 12.59
CA ASN A 343 -10.84 -5.54 12.60
C ASN A 343 -9.61 -5.98 11.78
#